data_4F0C
#
_entry.id   4F0C
#
_cell.length_a   73.101
_cell.length_b   73.101
_cell.length_c   97.105
_cell.angle_alpha   90.00
_cell.angle_beta   90.00
_cell.angle_gamma   120.00
#
_symmetry.space_group_name_H-M   'P 31 2 1'
#
loop_
_entity.id
_entity.type
_entity.pdbx_description
1 polymer 'Glutathione transferase'
2 non-polymer 'OXIDIZED GLUTATHIONE DISULFIDE'
3 non-polymer 'SULFATE ION'
4 non-polymer GLYCEROL
5 water water
#
_entity_poly.entity_id   1
_entity_poly.type   'polypeptide(L)'
_entity_poly.pdbx_seq_one_letter_code
;MSHGKQFTLFNHQVGPNGWKVDMLLRELGLSFETVYVNLGQREHKSPSFTKYNPNGRIPALIDHYYNDFVVWESDAILLY
IVEKYDPEHKFSVSTFDDKIIMTQWLFFQASGQGPYFGQAGWFLAVAPPEERNPTIAERYQKEILRVFGVLESVLSQRQW
LVADKLTIADISFVIWNATAVNLLVKGYKGFDFEKDFPSVHRWHTALITRPAIAESLKTKAEAIAQMNR
;
_entity_poly.pdbx_strand_id   A
#
# COMPACT_ATOMS: atom_id res chain seq x y z
N SER A 2 -27.24 14.86 3.34
CA SER A 2 -25.93 14.33 2.92
C SER A 2 -25.16 15.33 2.05
N HIS A 3 -23.85 15.18 2.01
CA HIS A 3 -22.98 16.03 1.23
C HIS A 3 -21.94 15.15 0.55
N GLY A 4 -21.66 15.43 -0.72
CA GLY A 4 -20.62 14.75 -1.46
C GLY A 4 -19.28 14.80 -0.75
N LYS A 5 -18.64 13.64 -0.64
CA LYS A 5 -17.37 13.54 0.06
C LYS A 5 -16.28 14.12 -0.82
N GLN A 6 -15.14 14.42 -0.21
CA GLN A 6 -14.08 15.08 -0.97
C GLN A 6 -13.51 14.21 -2.08
N PHE A 7 -13.22 12.95 -1.78
CA PHE A 7 -12.48 12.09 -2.70
C PHE A 7 -13.32 10.89 -3.08
N THR A 8 -13.12 10.43 -4.33
CA THR A 8 -13.49 9.06 -4.69
C THR A 8 -12.19 8.30 -4.81
N LEU A 9 -12.09 7.22 -4.02
CA LEU A 9 -10.96 6.31 -4.12
C LEU A 9 -11.42 5.05 -4.85
N PHE A 10 -10.83 4.78 -6.01
CA PHE A 10 -11.11 3.53 -6.69
C PHE A 10 -10.15 2.50 -6.08
N ASN A 11 -10.75 1.48 -5.48
CA ASN A 11 -10.02 0.52 -4.69
C ASN A 11 -10.37 -0.90 -5.14
N HIS A 12 -9.79 -1.90 -4.48
CA HIS A 12 -10.17 -3.30 -4.68
C HIS A 12 -10.09 -3.97 -3.30
N GLN A 13 -10.97 -4.93 -3.05
CA GLN A 13 -11.05 -5.57 -1.75
C GLN A 13 -9.82 -6.44 -1.47
N VAL A 14 -9.37 -7.19 -2.47
CA VAL A 14 -8.27 -8.14 -2.25
C VAL A 14 -6.91 -7.52 -2.52
N GLY A 15 -6.77 -6.78 -3.62
CA GLY A 15 -5.48 -6.24 -4.03
C GLY A 15 -4.94 -5.24 -3.01
N PRO A 16 -3.63 -5.26 -2.75
CA PRO A 16 -3.15 -4.43 -1.63
C PRO A 16 -3.13 -2.94 -1.90
N ASN A 17 -2.84 -2.52 -3.15
CA ASN A 17 -2.32 -1.18 -3.34
C ASN A 17 -3.21 0.01 -2.97
N GLY A 18 -4.51 -0.09 -3.21
CA GLY A 18 -5.35 1.04 -2.84
C GLY A 18 -5.40 1.29 -1.34
N TRP A 19 -5.06 0.27 -0.55
CA TRP A 19 -5.19 0.39 0.92
C TRP A 19 -4.15 1.33 1.53
N LYS A 20 -3.04 1.56 0.82
CA LYS A 20 -2.10 2.60 1.25
C LYS A 20 -2.82 3.94 1.32
N VAL A 21 -3.61 4.23 0.29
CA VAL A 21 -4.30 5.50 0.20
C VAL A 21 -5.42 5.55 1.24
N ASP A 22 -6.21 4.48 1.35
CA ASP A 22 -7.21 4.39 2.41
C ASP A 22 -6.60 4.71 3.79
N MET A 23 -5.45 4.10 4.11
CA MET A 23 -4.77 4.37 5.39
C MET A 23 -4.47 5.87 5.58
N LEU A 24 -3.88 6.50 4.57
CA LEU A 24 -3.53 7.92 4.68
C LEU A 24 -4.76 8.81 4.84
N LEU A 25 -5.80 8.52 4.06
CA LEU A 25 -7.02 9.33 4.16
C LEU A 25 -7.61 9.23 5.58
N ARG A 26 -7.62 8.02 6.15
CA ARG A 26 -8.11 7.85 7.53
C ARG A 26 -7.23 8.59 8.53
N GLU A 27 -5.90 8.48 8.38
CA GLU A 27 -4.96 9.17 9.28
C GLU A 27 -5.21 10.68 9.29
N LEU A 28 -5.51 11.24 8.13
CA LEU A 28 -5.72 12.70 8.01
C LEU A 28 -7.16 13.12 8.28
N GLY A 29 -8.06 12.15 8.47
CA GLY A 29 -9.45 12.48 8.77
C GLY A 29 -10.20 13.06 7.56
N LEU A 30 -9.74 12.73 6.35
CA LEU A 30 -10.32 13.26 5.12
C LEU A 30 -11.54 12.45 4.67
N SER A 31 -12.51 13.10 4.01
CA SER A 31 -13.73 12.39 3.63
C SER A 31 -13.60 11.72 2.25
N PHE A 32 -14.09 10.49 2.13
CA PHE A 32 -13.93 9.79 0.87
C PHE A 32 -14.95 8.68 0.69
N GLU A 33 -15.41 8.50 -0.54
CA GLU A 33 -16.19 7.31 -0.86
C GLU A 33 -15.22 6.31 -1.49
N THR A 34 -15.54 5.04 -1.34
CA THR A 34 -14.74 3.98 -1.93
C THR A 34 -15.56 3.28 -2.98
N VAL A 35 -14.99 3.16 -4.17
CA VAL A 35 -15.62 2.42 -5.25
C VAL A 35 -14.73 1.21 -5.58
N TYR A 36 -15.25 0.02 -5.36
CA TYR A 36 -14.51 -1.19 -5.72
C TYR A 36 -14.73 -1.51 -7.19
N VAL A 37 -13.63 -1.48 -7.94
CA VAL A 37 -13.62 -1.75 -9.36
C VAL A 37 -13.54 -3.25 -9.48
N ASN A 38 -14.42 -3.83 -10.28
CA ASN A 38 -14.40 -5.28 -10.35
C ASN A 38 -13.54 -5.83 -11.49
N LEU A 39 -12.40 -6.39 -11.09
CA LEU A 39 -11.36 -6.82 -12.02
C LEU A 39 -11.78 -8.07 -12.84
N GLY A 40 -12.76 -8.82 -12.34
CA GLY A 40 -13.23 -10.04 -12.99
C GLY A 40 -14.03 -9.83 -14.26
N GLN A 41 -14.75 -8.72 -14.33
CA GLN A 41 -15.47 -8.30 -15.54
C GLN A 41 -14.58 -7.35 -16.30
N ARG A 42 -13.33 -7.23 -15.84
CA ARG A 42 -12.34 -6.36 -16.48
C ARG A 42 -12.85 -4.93 -16.55
N GLU A 43 -13.52 -4.49 -15.49
CA GLU A 43 -14.09 -3.15 -15.40
C GLU A 43 -12.96 -2.14 -15.42
N HIS A 44 -11.84 -2.56 -14.86
CA HIS A 44 -10.65 -1.69 -14.77
C HIS A 44 -10.00 -1.45 -16.15
N LYS A 45 -10.36 -2.24 -17.15
N LYS A 45 -10.36 -2.25 -17.15
CA LYS A 45 -9.82 -2.08 -18.50
CA LYS A 45 -9.82 -2.11 -18.50
C LYS A 45 -10.85 -1.47 -19.45
C LYS A 45 -10.86 -1.50 -19.45
N SER A 46 -12.02 -1.14 -18.91
CA SER A 46 -13.09 -0.53 -19.72
C SER A 46 -12.85 0.98 -19.83
N PRO A 47 -13.36 1.62 -20.92
CA PRO A 47 -13.30 3.07 -21.11
C PRO A 47 -13.73 3.83 -19.86
N SER A 48 -14.70 3.28 -19.13
CA SER A 48 -15.21 3.98 -17.95
C SER A 48 -14.15 4.12 -16.86
N PHE A 49 -13.17 3.23 -16.82
CA PHE A 49 -12.09 3.40 -15.83
C PHE A 49 -10.79 3.87 -16.47
N THR A 50 -10.50 3.46 -17.69
CA THR A 50 -9.24 3.91 -18.32
C THR A 50 -9.28 5.41 -18.58
N LYS A 51 -10.48 5.99 -18.57
CA LYS A 51 -10.59 7.45 -18.64
C LYS A 51 -9.96 8.11 -17.41
N TYR A 52 -9.92 7.39 -16.30
CA TYR A 52 -9.24 7.84 -15.09
C TYR A 52 -7.78 7.40 -15.03
N ASN A 53 -7.52 6.17 -15.44
CA ASN A 53 -6.14 5.68 -15.46
C ASN A 53 -5.88 4.90 -16.74
N PRO A 54 -5.09 5.47 -17.67
CA PRO A 54 -4.89 4.75 -18.94
C PRO A 54 -4.20 3.41 -18.71
N ASN A 55 -3.46 3.27 -17.62
CA ASN A 55 -2.82 2.00 -17.25
C ASN A 55 -3.85 0.94 -16.83
N GLY A 56 -5.07 1.38 -16.46
CA GLY A 56 -6.15 0.44 -16.16
C GLY A 56 -5.86 -0.45 -14.93
N ARG A 57 -5.25 0.15 -13.93
CA ARG A 57 -5.00 -0.54 -12.65
C ARG A 57 -5.45 0.37 -11.51
N ILE A 58 -5.87 -0.23 -10.40
CA ILE A 58 -6.25 0.56 -9.23
C ILE A 58 -5.03 0.68 -8.29
N PRO A 59 -4.97 1.74 -7.46
CA PRO A 59 -6.00 2.77 -7.26
C PRO A 59 -5.92 3.97 -8.23
N ALA A 60 -7.01 4.73 -8.22
CA ALA A 60 -6.99 6.08 -8.78
C ALA A 60 -7.83 6.90 -7.80
N LEU A 61 -7.57 8.21 -7.78
CA LEU A 61 -8.22 9.11 -6.81
C LEU A 61 -8.79 10.29 -7.56
N ILE A 62 -10.05 10.64 -7.29
CA ILE A 62 -10.60 11.90 -7.79
C ILE A 62 -10.79 12.86 -6.64
N ASP A 63 -10.24 14.07 -6.76
CA ASP A 63 -10.43 15.10 -5.75
C ASP A 63 -11.58 16.03 -6.17
N HIS A 64 -12.76 15.75 -5.63
CA HIS A 64 -13.94 16.50 -6.03
C HIS A 64 -13.90 17.98 -5.59
N TYR A 65 -13.06 18.31 -4.60
CA TYR A 65 -13.01 19.68 -4.09
C TYR A 65 -11.88 20.44 -4.77
N TYR A 66 -11.24 19.80 -5.74
CA TYR A 66 -10.23 20.47 -6.56
C TYR A 66 -10.54 20.22 -8.04
N ASN A 67 -11.75 20.60 -8.47
N ASN A 67 -11.76 20.56 -8.45
CA ASN A 67 -12.21 20.44 -9.86
CA ASN A 67 -12.19 20.45 -9.86
C ASN A 67 -12.02 19.02 -10.41
C ASN A 67 -12.07 19.03 -10.43
N ASP A 68 -12.29 18.02 -9.58
CA ASP A 68 -12.23 16.61 -9.99
C ASP A 68 -10.86 16.21 -10.53
N PHE A 69 -9.83 16.79 -9.96
CA PHE A 69 -8.45 16.44 -10.33
C PHE A 69 -8.21 14.95 -10.06
N VAL A 70 -7.55 14.26 -10.99
CA VAL A 70 -7.34 12.81 -10.88
C VAL A 70 -5.86 12.47 -10.78
N VAL A 71 -5.50 11.57 -9.86
CA VAL A 71 -4.14 11.05 -9.78
C VAL A 71 -4.21 9.51 -9.64
N TRP A 72 -3.30 8.82 -10.33
CA TRP A 72 -3.18 7.38 -10.16
C TRP A 72 -1.71 7.03 -9.84
N GLU A 73 -1.40 5.74 -9.69
CA GLU A 73 -0.20 5.25 -8.98
C GLU A 73 -0.38 5.53 -7.50
N SER A 74 -0.60 4.48 -6.73
CA SER A 74 -0.80 4.61 -5.28
C SER A 74 0.20 5.56 -4.61
N ASP A 75 1.50 5.49 -4.93
CA ASP A 75 2.44 6.31 -4.19
C ASP A 75 2.42 7.77 -4.64
N ALA A 76 2.08 8.00 -5.90
CA ALA A 76 1.87 9.39 -6.34
C ALA A 76 0.63 10.00 -5.67
N ILE A 77 -0.41 9.19 -5.51
CA ILE A 77 -1.58 9.62 -4.75
C ILE A 77 -1.23 10.02 -3.31
N LEU A 78 -0.38 9.23 -2.67
CA LEU A 78 0.07 9.58 -1.31
C LEU A 78 0.76 10.94 -1.29
N LEU A 79 1.64 11.18 -2.26
CA LEU A 79 2.32 12.47 -2.37
C LEU A 79 1.35 13.60 -2.61
N TYR A 80 0.38 13.38 -3.50
CA TYR A 80 -0.63 14.39 -3.82
C TYR A 80 -1.35 14.79 -2.54
N ILE A 81 -1.80 13.80 -1.80
CA ILE A 81 -2.58 14.07 -0.59
C ILE A 81 -1.77 14.85 0.45
N VAL A 82 -0.52 14.45 0.69
CA VAL A 82 0.25 15.20 1.70
C VAL A 82 0.69 16.59 1.22
N GLU A 83 1.00 16.74 -0.06
N GLU A 83 0.96 16.72 -0.08
CA GLU A 83 1.34 18.06 -0.54
CA GLU A 83 1.33 18.00 -0.66
C GLU A 83 0.18 19.06 -0.33
C GLU A 83 0.22 19.06 -0.58
N LYS A 84 -1.03 18.60 -0.63
CA LYS A 84 -2.16 19.54 -0.61
C LYS A 84 -2.93 19.59 0.70
N TYR A 85 -2.88 18.51 1.48
CA TYR A 85 -3.77 18.36 2.62
C TYR A 85 -3.08 17.87 3.91
N ASP A 86 -1.77 18.07 3.98
CA ASP A 86 -1.03 17.83 5.23
C ASP A 86 -0.18 19.05 5.58
N PRO A 87 -0.83 20.22 5.79
CA PRO A 87 -0.04 21.46 5.95
C PRO A 87 0.78 21.48 7.25
N GLU A 88 0.39 20.67 8.23
CA GLU A 88 1.18 20.57 9.46
C GLU A 88 2.23 19.46 9.41
N HIS A 89 2.36 18.83 8.26
CA HIS A 89 3.36 17.75 8.05
C HIS A 89 3.24 16.67 9.13
N LYS A 90 2.01 16.25 9.39
CA LYS A 90 1.77 15.16 10.32
C LYS A 90 2.26 13.81 9.77
N PHE A 91 2.34 13.70 8.44
CA PHE A 91 2.73 12.44 7.78
C PHE A 91 3.66 12.71 6.63
N SER A 92 4.41 13.82 6.71
CA SER A 92 5.26 14.25 5.58
C SER A 92 6.28 15.25 6.12
N VAL A 93 7.06 15.85 5.23
CA VAL A 93 8.20 16.66 5.64
C VAL A 93 8.24 18.01 4.93
N SER A 94 8.99 18.96 5.48
CA SER A 94 8.99 20.32 4.90
C SER A 94 10.25 20.68 4.08
N THR A 95 11.42 20.22 4.49
CA THR A 95 12.65 20.67 3.84
C THR A 95 12.92 19.89 2.55
N PHE A 96 13.66 20.50 1.63
CA PHE A 96 14.01 19.81 0.39
C PHE A 96 14.74 18.49 0.67
N ASP A 97 15.77 18.54 1.53
CA ASP A 97 16.56 17.35 1.82
C ASP A 97 15.70 16.22 2.33
N ASP A 98 14.75 16.53 3.21
CA ASP A 98 13.88 15.48 3.72
C ASP A 98 12.90 14.99 2.65
N LYS A 99 12.33 15.92 1.89
CA LYS A 99 11.38 15.54 0.85
C LYS A 99 11.98 14.58 -0.18
N ILE A 100 13.20 14.86 -0.63
CA ILE A 100 13.75 14.01 -1.67
C ILE A 100 14.06 12.61 -1.13
N ILE A 101 14.45 12.53 0.14
CA ILE A 101 14.72 11.21 0.72
C ILE A 101 13.39 10.48 1.00
N MET A 102 12.36 11.21 1.41
CA MET A 102 11.04 10.55 1.54
C MET A 102 10.61 9.98 0.18
N THR A 103 10.86 10.75 -0.88
CA THR A 103 10.55 10.31 -2.24
C THR A 103 11.37 9.08 -2.67
N GLN A 104 12.65 9.10 -2.33
CA GLN A 104 13.52 7.95 -2.58
C GLN A 104 12.93 6.66 -1.97
N TRP A 105 12.54 6.73 -0.68
CA TRP A 105 11.96 5.56 -0.02
C TRP A 105 10.64 5.15 -0.67
N LEU A 106 9.83 6.12 -1.10
CA LEU A 106 8.60 5.79 -1.84
C LEU A 106 8.91 5.05 -3.15
N PHE A 107 9.93 5.51 -3.87
CA PHE A 107 10.33 4.83 -5.10
C PHE A 107 10.83 3.43 -4.80
N PHE A 108 11.51 3.27 -3.67
CA PHE A 108 11.94 1.92 -3.28
C PHE A 108 10.72 1.02 -3.00
N GLN A 109 9.75 1.57 -2.29
CA GLN A 109 8.52 0.80 -2.06
C GLN A 109 7.89 0.44 -3.41
N ALA A 110 7.72 1.44 -4.28
CA ALA A 110 6.96 1.23 -5.52
C ALA A 110 7.62 0.28 -6.52
N SER A 111 8.94 0.26 -6.55
CA SER A 111 9.67 -0.50 -7.57
C SER A 111 10.26 -1.79 -6.99
N GLY A 112 10.50 -1.78 -5.68
CA GLY A 112 11.26 -2.88 -5.06
C GLY A 112 10.40 -3.70 -4.11
N GLN A 113 9.32 -3.13 -3.57
CA GLN A 113 8.41 -3.95 -2.73
C GLN A 113 7.20 -4.46 -3.53
N GLY A 114 6.28 -3.57 -3.89
CA GLY A 114 5.06 -3.96 -4.63
C GLY A 114 5.26 -4.98 -5.76
N PRO A 115 6.15 -4.67 -6.72
CA PRO A 115 6.19 -5.52 -7.91
C PRO A 115 6.72 -6.91 -7.59
N TYR A 116 7.72 -7.03 -6.73
CA TYR A 116 8.30 -8.33 -6.42
C TYR A 116 7.41 -9.10 -5.46
N PHE A 117 6.88 -8.42 -4.47
CA PHE A 117 5.95 -9.10 -3.52
C PHE A 117 4.74 -9.58 -4.33
N GLY A 118 4.33 -8.76 -5.28
CA GLY A 118 3.23 -9.11 -6.16
C GLY A 118 3.48 -10.35 -7.02
N GLN A 119 4.72 -10.57 -7.46
CA GLN A 119 4.99 -11.77 -8.27
C GLN A 119 4.90 -12.99 -7.36
N ALA A 120 5.40 -12.89 -6.13
CA ALA A 120 5.18 -13.98 -5.16
C ALA A 120 3.69 -14.26 -5.00
N GLY A 121 2.89 -13.20 -4.82
CA GLY A 121 1.45 -13.30 -4.68
C GLY A 121 0.81 -14.00 -5.88
N TRP A 122 1.22 -13.60 -7.08
CA TRP A 122 0.73 -14.20 -8.32
C TRP A 122 1.01 -15.70 -8.33
N PHE A 123 2.27 -16.07 -8.26
CA PHE A 123 2.62 -17.50 -8.36
C PHE A 123 2.15 -18.38 -7.18
N LEU A 124 1.91 -17.78 -6.01
CA LEU A 124 1.45 -18.55 -4.84
C LEU A 124 -0.07 -18.63 -4.64
N ALA A 125 -0.77 -17.53 -4.86
CA ALA A 125 -2.11 -17.34 -4.27
C ALA A 125 -3.17 -16.74 -5.17
N VAL A 126 -2.76 -15.92 -6.12
CA VAL A 126 -3.69 -15.02 -6.79
C VAL A 126 -3.91 -15.35 -8.25
N ALA A 127 -2.91 -15.98 -8.86
CA ALA A 127 -3.07 -16.44 -10.23
C ALA A 127 -4.20 -17.47 -10.22
N PRO A 128 -4.75 -17.79 -11.40
CA PRO A 128 -5.77 -18.85 -11.40
C PRO A 128 -5.18 -20.12 -10.79
N PRO A 129 -5.97 -20.86 -10.00
CA PRO A 129 -5.43 -21.94 -9.17
C PRO A 129 -4.45 -22.86 -9.90
N GLU A 130 -4.71 -23.20 -11.15
CA GLU A 130 -3.83 -24.12 -11.86
C GLU A 130 -2.61 -23.47 -12.54
N GLU A 131 -2.55 -22.14 -12.57
CA GLU A 131 -1.35 -21.45 -13.07
C GLU A 131 -0.33 -21.14 -11.95
N ARG A 132 -0.77 -21.31 -10.71
CA ARG A 132 0.12 -21.12 -9.56
C ARG A 132 1.33 -22.05 -9.64
N ASN A 133 2.43 -21.64 -9.02
CA ASN A 133 3.69 -22.34 -9.17
C ASN A 133 4.65 -21.96 -8.04
N PRO A 134 4.70 -22.76 -6.97
CA PRO A 134 5.59 -22.53 -5.81
C PRO A 134 7.10 -22.50 -6.14
N THR A 135 7.55 -23.22 -7.16
CA THR A 135 8.96 -23.14 -7.56
C THR A 135 9.38 -21.76 -8.10
N ILE A 136 8.60 -21.23 -9.03
CA ILE A 136 8.88 -19.90 -9.54
C ILE A 136 8.63 -18.90 -8.42
N ALA A 137 7.59 -19.16 -7.62
CA ALA A 137 7.30 -18.27 -6.48
C ALA A 137 8.47 -18.14 -5.52
N GLU A 138 9.24 -19.21 -5.36
CA GLU A 138 10.35 -19.15 -4.41
C GLU A 138 11.35 -18.05 -4.72
N ARG A 139 11.59 -17.78 -6.00
CA ARG A 139 12.44 -16.66 -6.39
C ARG A 139 11.96 -15.36 -5.76
N TYR A 140 10.64 -15.15 -5.77
CA TYR A 140 10.07 -13.90 -5.23
C TYR A 140 9.91 -13.92 -3.71
N GLN A 141 9.69 -15.10 -3.13
CA GLN A 141 9.76 -15.22 -1.67
C GLN A 141 11.15 -14.86 -1.14
N LYS A 142 12.19 -15.33 -1.83
CA LYS A 142 13.55 -14.95 -1.46
C LYS A 142 13.75 -13.42 -1.57
N GLU A 143 13.16 -12.81 -2.59
CA GLU A 143 13.24 -11.35 -2.75
C GLU A 143 12.51 -10.62 -1.63
N ILE A 144 11.37 -11.17 -1.20
CA ILE A 144 10.71 -10.61 -0.01
C ILE A 144 11.67 -10.59 1.19
N LEU A 145 12.33 -11.71 1.46
CA LEU A 145 13.27 -11.77 2.61
C LEU A 145 14.42 -10.79 2.41
N ARG A 146 14.84 -10.61 1.15
CA ARG A 146 15.94 -9.69 0.88
C ARG A 146 15.50 -8.26 1.23
N VAL A 147 14.30 -7.90 0.80
CA VAL A 147 13.77 -6.57 1.11
C VAL A 147 13.60 -6.39 2.62
N PHE A 148 13.08 -7.42 3.29
CA PHE A 148 13.04 -7.41 4.77
C PHE A 148 14.43 -7.15 5.36
N GLY A 149 15.46 -7.80 4.82
CA GLY A 149 16.84 -7.61 5.26
C GLY A 149 17.30 -6.16 5.09
N VAL A 150 16.98 -5.58 3.95
CA VAL A 150 17.31 -4.17 3.68
C VAL A 150 16.63 -3.26 4.72
N LEU A 151 15.34 -3.46 4.93
CA LEU A 151 14.59 -2.65 5.91
C LEU A 151 15.17 -2.87 7.31
N GLU A 152 15.54 -4.10 7.61
CA GLU A 152 16.16 -4.42 8.91
C GLU A 152 17.45 -3.64 9.13
N SER A 153 18.28 -3.57 8.08
CA SER A 153 19.58 -2.93 8.14
C SER A 153 19.46 -1.44 8.49
N VAL A 154 18.36 -0.80 8.12
CA VAL A 154 18.19 0.61 8.49
C VAL A 154 17.35 0.82 9.74
N LEU A 155 16.28 0.03 9.91
CA LEU A 155 15.37 0.23 11.05
C LEU A 155 15.99 -0.20 12.39
N SER A 156 17.11 -0.92 12.35
CA SER A 156 17.77 -1.22 13.62
C SER A 156 18.47 0.02 14.15
N GLN A 157 18.56 1.08 13.34
CA GLN A 157 19.28 2.27 13.75
C GLN A 157 18.48 3.55 13.52
N ARG A 158 17.23 3.41 13.08
CA ARG A 158 16.36 4.59 13.00
C ARG A 158 14.94 4.14 13.32
N GLN A 159 14.16 5.03 13.94
CA GLN A 159 12.80 4.68 14.34
C GLN A 159 11.86 4.59 13.13
N TRP A 160 12.05 5.52 12.20
CA TRP A 160 11.19 5.69 11.02
C TRP A 160 12.12 5.93 9.82
N LEU A 161 11.64 5.76 8.60
CA LEU A 161 12.56 5.83 7.45
C LEU A 161 13.19 7.20 7.23
N VAL A 162 12.43 8.28 7.43
CA VAL A 162 12.95 9.61 7.11
C VAL A 162 12.69 10.59 8.22
N ALA A 163 13.69 11.41 8.51
CA ALA A 163 13.52 12.55 9.41
C ALA A 163 13.06 12.19 10.83
N ASP A 164 13.25 10.94 11.21
CA ASP A 164 12.90 10.46 12.56
C ASP A 164 11.45 10.79 12.91
N LYS A 165 10.57 10.74 11.92
CA LYS A 165 9.15 10.91 12.18
C LYS A 165 8.37 10.02 11.22
N LEU A 166 7.19 9.61 11.66
CA LEU A 166 6.32 8.83 10.80
C LEU A 166 5.95 9.64 9.55
N THR A 167 6.11 9.07 8.36
CA THR A 167 5.65 9.73 7.12
C THR A 167 4.99 8.72 6.17
N ILE A 168 4.50 9.20 5.03
CA ILE A 168 3.96 8.30 4.02
C ILE A 168 5.02 7.31 3.51
N ALA A 169 6.31 7.61 3.69
CA ALA A 169 7.32 6.61 3.30
C ALA A 169 7.07 5.33 4.10
N ASP A 170 6.89 5.45 5.42
CA ASP A 170 6.64 4.26 6.24
C ASP A 170 5.30 3.64 5.89
N ILE A 171 4.28 4.50 5.76
CA ILE A 171 2.92 3.99 5.58
C ILE A 171 2.82 3.18 4.28
N SER A 172 3.56 3.63 3.26
CA SER A 172 3.47 3.02 1.94
C SER A 172 3.86 1.54 1.93
N PHE A 173 4.66 1.10 2.91
CA PHE A 173 5.13 -0.29 2.98
C PHE A 173 4.19 -1.23 3.71
N VAL A 174 3.24 -0.66 4.46
CA VAL A 174 2.50 -1.46 5.43
C VAL A 174 1.70 -2.58 4.79
N ILE A 175 0.89 -2.26 3.76
CA ILE A 175 -0.07 -3.26 3.27
C ILE A 175 0.62 -4.50 2.66
N TRP A 176 1.66 -4.28 1.85
CA TRP A 176 2.39 -5.42 1.29
C TRP A 176 3.17 -6.20 2.35
N ASN A 177 3.68 -5.51 3.36
CA ASN A 177 4.37 -6.25 4.44
C ASN A 177 3.40 -7.13 5.21
N ALA A 178 2.19 -6.63 5.42
CA ALA A 178 1.20 -7.41 6.15
C ALA A 178 0.84 -8.66 5.32
N THR A 179 0.64 -8.44 4.02
CA THR A 179 0.37 -9.51 3.07
C THR A 179 1.52 -10.56 3.07
N ALA A 180 2.77 -10.08 3.07
CA ALA A 180 3.91 -11.00 3.07
C ALA A 180 3.96 -11.83 4.35
N VAL A 181 3.86 -11.15 5.49
CA VAL A 181 3.98 -11.83 6.78
C VAL A 181 2.87 -12.86 7.02
N ASN A 182 1.67 -12.52 6.56
CA ASN A 182 0.50 -13.38 6.76
C ASN A 182 0.20 -14.39 5.65
N LEU A 183 0.85 -14.23 4.50
CA LEU A 183 0.53 -15.09 3.38
C LEU A 183 1.79 -15.51 2.62
N LEU A 184 2.49 -14.53 2.05
CA LEU A 184 3.52 -14.81 1.03
C LEU A 184 4.73 -15.59 1.55
N VAL A 185 5.18 -15.32 2.77
CA VAL A 185 6.29 -16.09 3.34
C VAL A 185 5.91 -16.76 4.65
N LYS A 186 4.62 -16.77 4.98
CA LYS A 186 4.18 -17.51 6.17
C LYS A 186 4.44 -18.98 5.90
N GLY A 187 5.20 -19.62 6.81
CA GLY A 187 5.57 -21.00 6.66
C GLY A 187 6.68 -21.26 5.66
N TYR A 188 7.36 -20.22 5.19
CA TYR A 188 8.44 -20.39 4.23
C TYR A 188 9.80 -20.53 4.91
N LYS A 189 10.40 -21.71 4.80
N LYS A 189 10.37 -21.72 4.83
CA LYS A 189 11.69 -22.02 5.43
CA LYS A 189 11.67 -22.03 5.43
C LYS A 189 11.79 -21.55 6.89
C LYS A 189 11.79 -21.55 6.89
N GLY A 190 10.71 -21.77 7.65
CA GLY A 190 10.72 -21.47 9.07
C GLY A 190 10.55 -20.00 9.41
N PHE A 191 10.09 -19.22 8.44
CA PHE A 191 9.94 -17.78 8.62
C PHE A 191 9.26 -17.43 9.94
N ASP A 192 9.87 -16.54 10.70
CA ASP A 192 9.31 -16.05 11.95
C ASP A 192 9.63 -14.55 11.93
N PHE A 193 8.61 -13.70 11.75
CA PHE A 193 8.82 -12.28 11.49
C PHE A 193 9.66 -11.63 12.61
N GLU A 194 9.19 -11.75 13.85
CA GLU A 194 9.91 -11.13 14.97
C GLU A 194 11.33 -11.68 15.18
N LYS A 195 11.52 -12.99 15.09
CA LYS A 195 12.87 -13.55 15.26
C LYS A 195 13.81 -13.17 14.14
N ASP A 196 13.29 -13.22 12.90
CA ASP A 196 14.12 -13.09 11.73
C ASP A 196 14.41 -11.63 11.38
N PHE A 197 13.45 -10.74 11.64
CA PHE A 197 13.59 -9.32 11.32
C PHE A 197 13.01 -8.46 12.43
N PRO A 198 13.69 -8.44 13.59
CA PRO A 198 13.07 -7.83 14.78
C PRO A 198 12.83 -6.32 14.66
N SER A 199 13.72 -5.59 14.00
CA SER A 199 13.50 -4.16 13.78
C SER A 199 12.34 -3.91 12.82
N VAL A 200 12.27 -4.68 11.73
CA VAL A 200 11.13 -4.56 10.82
C VAL A 200 9.85 -4.91 11.56
N HIS A 201 9.91 -5.92 12.43
CA HIS A 201 8.72 -6.29 13.21
C HIS A 201 8.29 -5.16 14.14
N ARG A 202 9.26 -4.53 14.80
CA ARG A 202 8.96 -3.40 15.72
C ARG A 202 8.23 -2.29 14.99
N TRP A 203 8.78 -1.91 13.83
CA TRP A 203 8.25 -0.80 13.04
C TRP A 203 6.90 -1.15 12.45
N HIS A 204 6.80 -2.34 11.85
CA HIS A 204 5.52 -2.78 11.29
C HIS A 204 4.46 -2.84 12.38
N THR A 205 4.81 -3.35 13.55
CA THR A 205 3.82 -3.47 14.61
C THR A 205 3.36 -2.10 15.08
N ALA A 206 4.30 -1.17 15.16
CA ALA A 206 3.93 0.17 15.59
C ALA A 206 2.94 0.77 14.57
N LEU A 207 3.16 0.50 13.27
CA LEU A 207 2.30 1.03 12.22
C LEU A 207 0.90 0.43 12.27
N ILE A 208 0.79 -0.89 12.34
CA ILE A 208 -0.54 -1.51 12.24
C ILE A 208 -1.36 -1.36 13.53
N THR A 209 -0.73 -0.92 14.62
CA THR A 209 -1.49 -0.68 15.85
C THR A 209 -2.00 0.76 15.96
N ARG A 210 -1.54 1.64 15.06
CA ARG A 210 -2.15 2.97 14.97
C ARG A 210 -3.63 2.84 14.59
N PRO A 211 -4.53 3.56 15.28
CA PRO A 211 -5.96 3.35 15.09
C PRO A 211 -6.45 3.51 13.65
N ALA A 212 -5.96 4.51 12.92
CA ALA A 212 -6.40 4.68 11.52
C ALA A 212 -5.95 3.51 10.65
N ILE A 213 -4.74 3.01 10.88
CA ILE A 213 -4.24 1.92 10.06
C ILE A 213 -4.93 0.60 10.45
N ALA A 214 -5.10 0.37 11.74
CA ALA A 214 -5.87 -0.75 12.22
C ALA A 214 -7.29 -0.72 11.63
N GLU A 215 -7.90 0.46 11.57
CA GLU A 215 -9.25 0.60 11.03
C GLU A 215 -9.27 0.28 9.54
N SER A 216 -8.26 0.76 8.80
CA SER A 216 -8.10 0.42 7.40
C SER A 216 -8.01 -1.10 7.18
N LEU A 217 -7.20 -1.78 7.99
CA LEU A 217 -7.01 -3.23 7.83
C LEU A 217 -8.31 -3.96 8.14
N LYS A 218 -9.07 -3.44 9.11
CA LYS A 218 -10.31 -4.09 9.53
C LYS A 218 -11.35 -3.90 8.41
N THR A 219 -11.34 -2.72 7.80
CA THR A 219 -12.27 -2.39 6.72
C THR A 219 -12.01 -3.29 5.53
N LYS A 220 -10.73 -3.51 5.22
CA LYS A 220 -10.37 -4.40 4.13
C LYS A 220 -10.87 -5.81 4.37
N ALA A 221 -10.66 -6.34 5.59
CA ALA A 221 -11.06 -7.70 5.91
C ALA A 221 -12.58 -7.85 5.75
N GLU A 222 -13.32 -6.85 6.21
CA GLU A 222 -14.77 -6.86 6.11
C GLU A 222 -15.22 -6.77 4.65
N ALA A 223 -14.56 -5.94 3.85
CA ALA A 223 -14.93 -5.80 2.45
C ALA A 223 -14.71 -7.14 1.69
N ILE A 224 -13.63 -7.83 2.03
CA ILE A 224 -13.35 -9.10 1.39
C ILE A 224 -14.46 -10.08 1.76
N ALA A 225 -14.70 -10.22 3.06
CA ALA A 225 -15.77 -11.07 3.59
C ALA A 225 -17.11 -10.80 2.90
N GLN A 226 -17.43 -9.54 2.68
CA GLN A 226 -18.69 -9.15 2.07
C GLN A 226 -18.85 -9.50 0.59
N MET A 227 -17.75 -9.75 -0.10
CA MET A 227 -17.82 -10.14 -1.51
C MET A 227 -18.61 -11.42 -1.70
N ASN A 228 -18.53 -12.31 -0.72
CA ASN A 228 -19.21 -13.60 -0.77
C ASN A 228 -20.57 -13.59 -0.07
N ARG A 229 -21.08 -12.42 0.27
CA ARG A 229 -22.35 -12.31 1.00
C ARG A 229 -23.55 -12.85 0.21
#